data_4A7U
#
_entry.id   4A7U
#
_cell.length_a   38.300
_cell.length_b   68.100
_cell.length_c   50.200
_cell.angle_alpha   90.00
_cell.angle_beta   104.70
_cell.angle_gamma   90.00
#
_symmetry.space_group_name_H-M   'P 1 21 1'
#
loop_
_entity.id
_entity.type
_entity.pdbx_description
1 polymer 'SUPEROXIDE DISMUTASE [CU-ZN]'
2 non-polymer L-EPINEPHRINE
3 non-polymer 'SULFATE ION'
4 non-polymer 'COPPER (II) ION'
5 non-polymer 'ZINC ION'
6 non-polymer 'ACETATE ION'
7 water water
#
_entity_poly.entity_id   1
_entity_poly.type   'polypeptide(L)'
_entity_poly.pdbx_seq_one_letter_code
;ATKAVCVLKGDGPVQGIINFEQKESNGPVKVWGSIKGLTEGLHGFHVHEFGDNTAGCTSAGPHFNPLSRKHGGPKDEERH
VGDLGNVTADKDGVADVSIEDSVISLSGDHCITGRTLVVHEKADDLGKGGNEESTKTGNAGSRLACGVIGIAQ
;
_entity_poly.pdbx_strand_id   A,F
#
loop_
_chem_comp.id
_chem_comp.type
_chem_comp.name
_chem_comp.formula
ACT non-polymer 'ACETATE ION' 'C2 H3 O2 -1'
ALE non-polymer L-EPINEPHRINE 'C9 H13 N O3'
CU non-polymer 'COPPER (II) ION' 'Cu 2'
SO4 non-polymer 'SULFATE ION' 'O4 S -2'
ZN non-polymer 'ZINC ION' 'Zn 2'
#
# COMPACT_ATOMS: atom_id res chain seq x y z
N ALA A 1 9.98 -18.20 0.71
CA ALA A 1 10.11 -16.90 0.03
C ALA A 1 9.12 -15.92 0.62
N THR A 2 9.43 -14.65 0.45
CA THR A 2 8.59 -13.52 0.84
C THR A 2 8.17 -12.84 -0.47
N LYS A 3 6.94 -12.33 -0.55
CA LYS A 3 6.42 -11.74 -1.76
C LYS A 3 5.74 -10.42 -1.45
N ALA A 4 5.76 -9.53 -2.44
CA ALA A 4 5.06 -8.27 -2.37
C ALA A 4 4.53 -7.94 -3.75
N VAL A 5 3.67 -6.92 -3.82
CA VAL A 5 2.99 -6.60 -5.06
C VAL A 5 2.63 -5.12 -5.06
N CYS A 6 2.51 -4.55 -6.23
CA CYS A 6 2.15 -3.15 -6.38
C CYS A 6 1.30 -2.93 -7.62
N VAL A 7 0.16 -2.28 -7.45
CA VAL A 7 -0.68 -1.87 -8.56
C VAL A 7 -0.39 -0.40 -8.82
N LEU A 8 0.06 -0.09 -10.03
CA LEU A 8 0.42 1.28 -10.43
C LEU A 8 -0.76 1.94 -11.15
N LYS A 9 -1.17 3.09 -10.69
CA LYS A 9 -2.20 3.91 -11.34
C LYS A 9 -1.84 5.36 -11.22
N GLY A 10 -2.39 6.18 -12.09
CA GLY A 10 -2.20 7.63 -12.00
C GLY A 10 -3.39 8.35 -12.60
N ASP A 11 -3.14 9.58 -13.00
CA ASP A 11 -4.20 10.44 -13.51
C ASP A 11 -4.38 10.31 -15.01
N GLY A 12 -3.44 9.69 -15.70
CA GLY A 12 -3.45 9.59 -17.13
C GLY A 12 -3.54 8.15 -17.52
N PRO A 13 -2.89 7.78 -18.62
CA PRO A 13 -3.05 6.48 -19.21
C PRO A 13 -2.18 5.36 -18.61
N VAL A 14 -1.26 5.70 -17.74
CA VAL A 14 -0.27 4.74 -17.33
C VAL A 14 -0.81 3.86 -16.21
N GLN A 15 -0.70 2.58 -16.40
CA GLN A 15 -1.13 1.64 -15.37
C GLN A 15 -0.30 0.39 -15.44
N GLY A 16 -0.10 -0.25 -14.30
CA GLY A 16 0.67 -1.42 -14.31
C GLY A 16 0.53 -2.29 -13.09
N ILE A 17 1.22 -3.41 -13.12
N ILE A 17 1.24 -3.39 -13.11
CA ILE A 17 1.20 -4.44 -12.04
CA ILE A 17 1.20 -4.39 -12.04
C ILE A 17 2.63 -4.94 -11.91
C ILE A 17 2.62 -4.95 -11.90
N ILE A 18 3.18 -4.87 -10.70
CA ILE A 18 4.56 -5.27 -10.43
C ILE A 18 4.59 -6.21 -9.22
N ASN A 19 5.26 -7.33 -9.38
CA ASN A 19 5.45 -8.35 -8.36
C ASN A 19 6.90 -8.35 -7.89
N PHE A 20 7.07 -8.66 -6.61
CA PHE A 20 8.35 -8.78 -5.97
C PHE A 20 8.45 -10.13 -5.27
N GLU A 21 9.61 -10.78 -5.35
CA GLU A 21 9.81 -12.03 -4.61
C GLU A 21 11.24 -12.11 -4.14
N GLN A 22 11.40 -12.50 -2.88
CA GLN A 22 12.72 -12.59 -2.23
C GLN A 22 12.82 -14.02 -1.68
N LYS A 23 13.66 -14.82 -2.33
CA LYS A 23 13.78 -16.24 -2.04
C LYS A 23 14.31 -16.48 -0.64
N GLU A 24 15.26 -15.68 -0.19
CA GLU A 24 15.82 -15.88 1.14
C GLU A 24 15.98 -14.55 1.88
N SER A 25 16.03 -14.64 3.22
CA SER A 25 16.16 -13.45 4.06
C SER A 25 17.37 -12.67 3.63
N ASN A 26 17.18 -11.37 3.42
CA ASN A 26 18.20 -10.42 3.02
C ASN A 26 18.77 -10.66 1.62
N GLY A 27 18.22 -11.61 0.85
CA GLY A 27 18.78 -11.98 -0.44
C GLY A 27 18.31 -11.07 -1.56
N PRO A 28 18.76 -11.33 -2.81
CA PRO A 28 18.26 -10.52 -3.93
C PRO A 28 16.74 -10.69 -4.11
N VAL A 29 16.15 -9.67 -4.71
CA VAL A 29 14.72 -9.58 -4.96
C VAL A 29 14.48 -9.57 -6.46
N LYS A 30 13.61 -10.46 -6.94
CA LYS A 30 13.13 -10.44 -8.32
C LYS A 30 11.93 -9.50 -8.40
N VAL A 31 11.92 -8.66 -9.44
CA VAL A 31 10.88 -7.68 -9.69
C VAL A 31 10.39 -7.89 -11.10
N TRP A 32 9.09 -8.16 -11.28
CA TRP A 32 8.59 -8.44 -12.63
C TRP A 32 7.16 -8.02 -12.79
N GLY A 33 6.78 -7.69 -14.00
CA GLY A 33 5.39 -7.35 -14.31
C GLY A 33 5.30 -6.56 -15.58
N SER A 34 4.29 -5.69 -15.67
CA SER A 34 4.01 -4.97 -16.92
C SER A 34 3.44 -3.62 -16.61
N ILE A 35 3.77 -2.64 -17.44
CA ILE A 35 3.24 -1.30 -17.34
C ILE A 35 2.83 -0.89 -18.76
N LYS A 36 1.63 -0.35 -18.91
CA LYS A 36 1.13 0.11 -20.20
C LYS A 36 0.80 1.57 -20.18
N GLY A 37 0.57 2.14 -21.36
CA GLY A 37 0.22 3.54 -21.47
C GLY A 37 1.37 4.53 -21.50
N LEU A 38 2.58 3.99 -21.71
CA LEU A 38 3.79 4.77 -21.67
C LEU A 38 4.24 5.22 -23.05
N THR A 39 4.95 6.33 -23.09
CA THR A 39 5.66 6.70 -24.31
C THR A 39 6.86 5.74 -24.50
N GLU A 40 7.19 5.49 -25.76
CA GLU A 40 8.28 4.63 -26.06
C GLU A 40 9.59 5.22 -25.50
N GLY A 41 10.43 4.36 -24.92
CA GLY A 41 11.69 4.77 -24.35
C GLY A 41 11.77 4.47 -22.85
N LEU A 42 12.75 5.09 -22.22
N LEU A 42 12.76 5.10 -22.22
CA LEU A 42 13.08 4.86 -20.82
CA LEU A 42 13.08 4.84 -20.83
C LEU A 42 12.20 5.68 -19.91
C LEU A 42 12.21 5.67 -19.91
N HIS A 43 11.83 5.07 -18.78
CA HIS A 43 11.08 5.75 -17.73
C HIS A 43 11.67 5.40 -16.39
N GLY A 44 12.02 6.41 -15.61
CA GLY A 44 12.59 6.18 -14.30
C GLY A 44 11.64 5.36 -13.44
N PHE A 45 12.23 4.51 -12.59
CA PHE A 45 11.50 3.49 -11.85
C PHE A 45 12.11 3.39 -10.48
N HIS A 46 11.39 3.89 -9.46
CA HIS A 46 11.97 4.00 -8.14
C HIS A 46 10.98 3.67 -7.05
N VAL A 47 11.52 3.20 -5.93
CA VAL A 47 10.76 3.17 -4.67
C VAL A 47 11.00 4.52 -3.96
N HIS A 48 9.90 5.22 -3.66
CA HIS A 48 9.90 6.47 -2.92
C HIS A 48 9.58 6.18 -1.47
N GLU A 49 9.96 7.12 -0.61
CA GLU A 49 10.01 6.89 0.82
C GLU A 49 8.65 6.54 1.45
N PHE A 50 7.62 7.28 1.12
CA PHE A 50 6.39 7.15 1.84
C PHE A 50 5.36 6.38 1.02
N GLY A 51 4.61 5.52 1.68
CA GLY A 51 3.43 4.88 1.08
C GLY A 51 2.19 5.72 1.21
N ASP A 52 2.31 7.00 0.89
CA ASP A 52 1.27 8.00 1.04
C ASP A 52 0.88 8.46 -0.32
N ASN A 53 -0.38 8.17 -0.68
N ASN A 53 -0.34 8.13 -0.74
CA ASN A 53 -0.97 8.57 -1.95
CA ASN A 53 -0.82 8.64 -2.01
C ASN A 53 -2.10 9.55 -1.79
C ASN A 53 -2.07 9.53 -1.80
N THR A 54 -2.12 10.21 -0.65
CA THR A 54 -3.25 11.07 -0.29
C THR A 54 -3.65 11.99 -1.44
N ALA A 55 -2.67 12.68 -1.95
CA ALA A 55 -2.88 13.67 -3.00
C ALA A 55 -2.33 13.23 -4.33
N GLY A 56 -2.20 11.94 -4.53
CA GLY A 56 -1.55 11.34 -5.69
C GLY A 56 -0.11 11.00 -5.44
N CYS A 57 0.63 10.78 -6.52
CA CYS A 57 1.98 10.27 -6.43
C CYS A 57 2.98 11.23 -5.77
N THR A 58 2.67 12.53 -5.80
N THR A 58 2.68 12.53 -5.78
CA THR A 58 3.52 13.52 -5.17
CA THR A 58 3.56 13.49 -5.13
C THR A 58 3.66 13.26 -3.66
C THR A 58 3.68 13.22 -3.64
N SER A 59 2.63 12.71 -3.03
CA SER A 59 2.62 12.51 -1.59
C SER A 59 3.69 11.48 -1.12
N ALA A 60 4.25 10.70 -2.06
CA ALA A 60 5.21 9.68 -1.75
C ALA A 60 6.59 10.20 -1.37
N GLY A 61 6.86 11.47 -1.59
CA GLY A 61 8.14 12.00 -1.14
C GLY A 61 9.27 11.62 -2.08
N PRO A 62 10.51 11.74 -1.58
CA PRO A 62 11.71 11.52 -2.41
C PRO A 62 12.01 10.03 -2.54
N HIS A 63 13.04 9.70 -3.31
CA HIS A 63 13.46 8.31 -3.41
C HIS A 63 13.78 7.76 -2.03
N PHE A 64 13.45 6.50 -1.79
CA PHE A 64 13.73 5.84 -0.52
C PHE A 64 15.25 5.75 -0.33
N ASN A 65 15.73 6.37 0.73
CA ASN A 65 17.17 6.62 0.90
C ASN A 65 17.56 6.49 2.37
N PRO A 66 17.35 5.30 2.98
CA PRO A 66 17.62 5.16 4.42
C PRO A 66 19.10 5.35 4.77
N LEU A 67 19.99 5.15 3.81
CA LEU A 67 21.43 5.22 4.04
C LEU A 67 22.03 6.55 3.61
N SER A 68 21.22 7.54 3.25
CA SER A 68 21.73 8.90 2.98
C SER A 68 22.84 8.93 1.96
N ARG A 69 22.59 8.27 0.83
CA ARG A 69 23.49 8.27 -0.32
C ARG A 69 22.97 9.19 -1.40
N LYS A 70 23.80 9.39 -2.41
CA LYS A 70 23.39 10.10 -3.63
C LYS A 70 22.66 9.13 -4.58
N HIS A 71 21.90 9.73 -5.50
CA HIS A 71 21.20 8.98 -6.53
C HIS A 71 22.16 8.29 -7.48
N GLY A 72 21.81 7.07 -7.89
CA GLY A 72 22.54 6.35 -8.89
C GLY A 72 21.65 5.36 -9.60
N GLY A 73 22.31 4.48 -10.35
CA GLY A 73 21.63 3.36 -10.98
C GLY A 73 21.67 2.12 -10.10
N PRO A 74 20.88 1.13 -10.48
CA PRO A 74 20.76 -0.06 -9.62
C PRO A 74 22.04 -0.85 -9.52
N LYS A 75 22.94 -0.74 -10.49
CA LYS A 75 24.20 -1.45 -10.46
C LYS A 75 25.37 -0.58 -10.00
N ASP A 76 25.07 0.54 -9.36
CA ASP A 76 26.08 1.39 -8.73
C ASP A 76 26.13 1.15 -7.23
N GLU A 77 27.31 1.32 -6.66
N GLU A 77 27.31 1.30 -6.66
CA GLU A 77 27.44 1.31 -5.22
CA GLU A 77 27.44 1.28 -5.22
C GLU A 77 26.77 2.53 -4.59
C GLU A 77 26.77 2.52 -4.61
N GLU A 78 27.03 3.72 -5.14
N GLU A 78 26.98 3.65 -5.28
CA GLU A 78 26.41 4.95 -4.66
CA GLU A 78 26.44 4.93 -4.88
C GLU A 78 25.05 5.09 -5.34
C GLU A 78 25.02 5.09 -5.41
N ARG A 79 24.03 4.73 -4.60
CA ARG A 79 22.63 4.77 -5.02
C ARG A 79 21.77 4.90 -3.78
N HIS A 80 20.54 5.34 -4.00
CA HIS A 80 19.48 5.21 -3.01
C HIS A 80 19.02 3.75 -2.99
N VAL A 81 18.52 3.28 -1.85
CA VAL A 81 17.93 1.94 -1.84
C VAL A 81 16.83 1.85 -2.90
N GLY A 82 16.03 2.91 -3.06
CA GLY A 82 14.94 2.84 -4.01
C GLY A 82 15.30 2.96 -5.49
N ASP A 83 16.57 3.03 -5.84
CA ASP A 83 16.98 3.31 -7.23
C ASP A 83 16.98 2.03 -8.09
N LEU A 84 15.86 1.80 -8.81
CA LEU A 84 15.70 0.65 -9.66
C LEU A 84 15.89 1.01 -11.14
N GLY A 85 16.45 2.17 -11.44
CA GLY A 85 16.86 2.49 -12.80
C GLY A 85 15.71 2.92 -13.66
N ASN A 86 15.60 2.30 -14.83
CA ASN A 86 14.57 2.58 -15.81
C ASN A 86 13.86 1.32 -16.21
N VAL A 87 12.59 1.47 -16.56
CA VAL A 87 11.88 0.48 -17.39
C VAL A 87 11.82 1.03 -18.80
N THR A 88 11.66 0.15 -19.78
CA THR A 88 11.66 0.53 -21.19
C THR A 88 10.35 0.11 -21.83
N ALA A 89 9.66 1.10 -22.41
CA ALA A 89 8.44 0.86 -23.16
C ALA A 89 8.78 0.78 -24.66
N ASP A 90 8.14 -0.15 -25.34
CA ASP A 90 8.24 -0.24 -26.79
C ASP A 90 7.16 0.56 -27.47
N LYS A 91 7.02 0.41 -28.79
CA LYS A 91 6.02 1.16 -29.54
C LYS A 91 4.57 0.72 -29.24
N ASP A 92 4.39 -0.35 -28.50
CA ASP A 92 3.09 -0.70 -27.97
C ASP A 92 2.76 0.14 -26.71
N GLY A 93 3.71 0.94 -26.21
CA GLY A 93 3.53 1.64 -24.96
C GLY A 93 3.62 0.80 -23.72
N VAL A 94 4.15 -0.41 -23.89
CA VAL A 94 4.24 -1.41 -22.79
C VAL A 94 5.70 -1.63 -22.42
N ALA A 95 5.96 -1.60 -21.12
CA ALA A 95 7.22 -2.01 -20.53
C ALA A 95 7.01 -3.37 -19.88
N ASP A 96 7.77 -4.35 -20.34
CA ASP A 96 7.82 -5.66 -19.75
C ASP A 96 8.97 -5.63 -18.75
N VAL A 97 8.64 -5.68 -17.47
CA VAL A 97 9.60 -5.44 -16.42
C VAL A 97 10.13 -6.79 -15.92
N SER A 98 11.44 -6.87 -15.89
CA SER A 98 12.08 -8.01 -15.33
C SER A 98 13.46 -7.53 -14.79
N ILE A 99 13.56 -7.48 -13.47
CA ILE A 99 14.69 -6.87 -12.74
C ILE A 99 15.08 -7.91 -11.64
N GLU A 100 16.38 -8.03 -11.31
CA GLU A 100 16.81 -8.64 -10.06
C GLU A 100 17.65 -7.57 -9.37
N ASP A 101 17.39 -7.31 -8.09
CA ASP A 101 18.10 -6.27 -7.36
C ASP A 101 18.59 -6.79 -6.04
N SER A 102 19.80 -6.37 -5.68
CA SER A 102 20.47 -6.83 -4.49
C SER A 102 20.47 -5.81 -3.33
N VAL A 103 19.81 -4.69 -3.49
CA VAL A 103 19.80 -3.67 -2.47
C VAL A 103 18.41 -3.49 -1.83
N ILE A 104 17.33 -3.47 -2.60
CA ILE A 104 16.03 -3.50 -1.98
C ILE A 104 15.86 -4.83 -1.21
N SER A 105 14.92 -4.82 -0.27
CA SER A 105 14.57 -6.01 0.48
C SER A 105 13.07 -5.98 0.79
N LEU A 106 12.56 -7.14 1.19
CA LEU A 106 11.19 -7.26 1.69
C LEU A 106 11.14 -7.48 3.21
N SER A 107 12.26 -7.21 3.89
CA SER A 107 12.30 -7.12 5.35
C SER A 107 13.41 -6.20 5.76
N GLY A 108 13.45 -5.85 7.05
CA GLY A 108 14.54 -5.10 7.60
C GLY A 108 14.58 -3.65 7.24
N ASP A 109 15.74 -3.01 7.41
CA ASP A 109 15.84 -1.57 7.16
C ASP A 109 15.80 -1.20 5.69
N HIS A 110 16.09 -2.17 4.83
CA HIS A 110 15.98 -1.97 3.38
C HIS A 110 14.59 -2.32 2.85
N CYS A 111 13.64 -2.60 3.73
CA CYS A 111 12.32 -3.04 3.31
C CYS A 111 11.59 -1.95 2.55
N ILE A 112 11.07 -2.33 1.39
CA ILE A 112 10.29 -1.45 0.54
C ILE A 112 8.77 -1.60 0.69
N THR A 113 8.34 -2.63 1.42
CA THR A 113 6.93 -2.83 1.62
C THR A 113 6.36 -1.66 2.44
N GLY A 114 5.17 -1.20 2.07
CA GLY A 114 4.58 -0.04 2.68
C GLY A 114 5.06 1.29 2.13
N ARG A 115 5.93 1.25 1.13
CA ARG A 115 6.42 2.43 0.45
C ARG A 115 5.82 2.49 -0.93
N THR A 116 6.13 3.50 -1.73
CA THR A 116 5.48 3.69 -3.02
C THR A 116 6.43 3.41 -4.18
N LEU A 117 5.99 2.61 -5.13
CA LEU A 117 6.71 2.42 -6.40
C LEU A 117 6.15 3.45 -7.41
N VAL A 118 7.05 4.13 -8.11
CA VAL A 118 6.70 5.19 -9.05
C VAL A 118 7.35 4.94 -10.39
N VAL A 119 6.58 5.12 -11.45
CA VAL A 119 7.13 5.17 -12.81
C VAL A 119 7.02 6.63 -13.32
N HIS A 120 8.13 7.12 -13.84
CA HIS A 120 8.29 8.53 -14.16
C HIS A 120 8.12 8.83 -15.65
N GLU A 121 7.97 10.12 -15.91
CA GLU A 121 7.78 10.70 -17.23
C GLU A 121 8.93 10.45 -18.19
N LYS A 122 10.14 10.59 -17.69
CA LYS A 122 11.35 10.71 -18.47
C LYS A 122 12.36 9.64 -18.03
N ALA A 123 13.46 9.54 -18.76
CA ALA A 123 14.53 8.64 -18.40
C ALA A 123 15.24 9.14 -17.14
N ASP A 124 15.64 8.19 -16.33
CA ASP A 124 16.60 8.40 -15.24
C ASP A 124 18.02 8.31 -15.84
N ASP A 125 18.80 9.37 -15.63
CA ASP A 125 20.18 9.43 -16.09
C ASP A 125 21.17 8.74 -15.16
N LEU A 126 20.65 8.05 -14.13
CA LEU A 126 21.44 7.20 -13.26
C LEU A 126 22.55 7.96 -12.56
N GLY A 127 22.33 9.25 -12.35
CA GLY A 127 23.32 10.06 -11.65
C GLY A 127 24.47 10.56 -12.51
N LYS A 128 24.37 10.37 -13.83
CA LYS A 128 25.46 10.70 -14.77
C LYS A 128 25.15 11.89 -15.63
N GLY A 129 24.15 12.64 -15.24
CA GLY A 129 23.73 13.78 -16.04
C GLY A 129 24.54 15.05 -15.84
N GLY A 130 25.41 15.11 -14.86
CA GLY A 130 26.20 16.33 -14.74
C GLY A 130 25.52 17.66 -14.31
N ASN A 131 24.22 17.68 -13.96
CA ASN A 131 23.62 18.81 -13.19
C ASN A 131 23.42 18.33 -11.73
N GLU A 132 23.09 19.22 -10.83
CA GLU A 132 22.86 18.85 -9.40
C GLU A 132 21.71 17.85 -9.26
N GLU A 133 20.69 18.07 -10.05
CA GLU A 133 19.49 17.27 -9.88
C GLU A 133 19.78 15.81 -10.28
N SER A 134 20.74 15.56 -11.15
CA SER A 134 21.07 14.17 -11.54
C SER A 134 21.38 13.30 -10.33
N THR A 135 22.10 13.86 -9.35
CA THR A 135 22.47 13.06 -8.17
C THR A 135 21.40 13.10 -7.03
N LYS A 136 20.20 13.59 -7.34
CA LYS A 136 19.06 13.56 -6.43
C LYS A 136 17.91 12.73 -7.03
N THR A 137 17.50 13.08 -8.24
CA THR A 137 16.33 12.44 -8.88
C THR A 137 16.66 11.74 -10.17
N GLY A 138 17.84 11.93 -10.75
CA GLY A 138 18.14 11.38 -12.05
C GLY A 138 17.47 12.11 -13.19
N ASN A 139 16.85 13.25 -12.92
CA ASN A 139 16.15 14.05 -13.95
C ASN A 139 15.03 13.27 -14.63
N ALA A 140 14.38 12.39 -13.88
CA ALA A 140 13.34 11.54 -14.46
C ALA A 140 11.96 12.21 -14.58
N GLY A 141 11.84 13.44 -14.09
CA GLY A 141 10.60 14.19 -14.28
C GLY A 141 9.44 13.71 -13.45
N SER A 142 8.25 14.00 -13.98
CA SER A 142 7.03 13.84 -13.20
C SER A 142 6.67 12.38 -12.98
N ARG A 143 5.66 12.18 -12.14
CA ARG A 143 5.27 10.87 -11.71
C ARG A 143 4.01 10.47 -12.46
N LEU A 144 4.11 9.47 -13.33
CA LEU A 144 2.98 9.11 -14.17
C LEU A 144 2.03 8.14 -13.52
N ALA A 145 2.55 7.22 -12.72
CA ALA A 145 1.70 6.27 -12.01
C ALA A 145 2.48 5.76 -10.80
N CYS A 146 1.74 5.28 -9.81
CA CYS A 146 2.37 4.83 -8.59
C CYS A 146 1.40 3.93 -7.85
N GLY A 147 1.92 3.23 -6.85
CA GLY A 147 1.10 2.46 -5.93
C GLY A 147 1.88 2.14 -4.70
N VAL A 148 1.18 1.75 -3.64
CA VAL A 148 1.82 1.34 -2.41
C VAL A 148 2.17 -0.14 -2.54
N ILE A 149 3.39 -0.50 -2.14
CA ILE A 149 3.85 -1.87 -2.21
C ILE A 149 3.30 -2.63 -1.00
N GLY A 150 2.60 -3.72 -1.28
CA GLY A 150 1.92 -4.48 -0.25
C GLY A 150 2.43 -5.89 -0.12
N ILE A 151 2.17 -6.47 1.06
CA ILE A 151 2.49 -7.87 1.33
C ILE A 151 1.62 -8.77 0.49
N ALA A 152 2.22 -9.74 -0.17
CA ALA A 152 1.48 -10.67 -1.04
C ALA A 152 1.49 -12.08 -0.46
N GLN A 153 0.51 -12.86 -0.91
CA GLN A 153 0.29 -14.21 -0.48
C GLN A 153 1.38 -15.11 -0.98
N ALA B 1 4.56 9.45 16.75
CA ALA B 1 5.84 8.70 16.67
C ALA B 1 6.01 8.03 15.33
N THR B 2 5.16 7.05 15.07
CA THR B 2 5.13 6.35 13.81
C THR B 2 3.78 6.63 13.19
N LYS B 3 3.74 6.81 11.88
CA LYS B 3 2.52 7.19 11.17
C LYS B 3 2.32 6.34 9.94
N ALA B 4 1.06 6.13 9.59
CA ALA B 4 0.70 5.41 8.37
C ALA B 4 -0.56 6.05 7.80
N VAL B 5 -0.90 5.71 6.56
CA VAL B 5 -2.01 6.32 5.88
C VAL B 5 -2.56 5.33 4.85
N CYS B 6 -3.83 5.48 4.56
CA CYS B 6 -4.50 4.63 3.59
C CYS B 6 -5.53 5.44 2.81
N VAL B 7 -5.43 5.36 1.48
CA VAL B 7 -6.42 5.94 0.57
C VAL B 7 -7.39 4.83 0.13
N LEU B 8 -8.66 4.98 0.50
CA LEU B 8 -9.68 3.98 0.15
C LEU B 8 -10.38 4.32 -1.17
N LYS B 9 -10.39 3.39 -2.11
CA LYS B 9 -11.09 3.55 -3.41
C LYS B 9 -11.69 2.21 -3.81
N GLY B 10 -12.75 2.43 -4.62
N GLY B 10 -12.65 2.13 -4.74
CA GLY B 10 -14.14 1.92 -4.45
CA GLY B 10 -13.09 0.82 -5.29
C GLY B 10 -15.34 2.69 -5.07
C GLY B 10 -13.77 1.03 -6.64
N ASP B 11 -16.21 1.98 -5.77
N ASP B 11 -14.85 0.30 -6.89
CA ASP B 11 -17.29 2.63 -6.50
CA ASP B 11 -15.81 0.72 -7.94
C ASP B 11 -18.38 3.28 -5.62
C ASP B 11 -16.90 1.69 -7.42
N GLY B 12 -18.88 4.42 -6.08
N GLY B 12 -16.50 2.74 -6.72
CA GLY B 12 -19.94 5.13 -5.38
CA GLY B 12 -17.29 3.97 -6.60
C GLY B 12 -19.95 6.58 -5.79
C GLY B 12 -18.71 4.03 -6.05
N PRO B 13 -18.81 7.28 -5.64
N PRO B 13 -19.07 5.19 -5.47
CA PRO B 13 -17.58 6.71 -5.14
CA PRO B 13 -18.14 6.28 -5.23
C PRO B 13 -17.74 6.41 -3.67
C PRO B 13 -17.76 6.35 -3.77
N VAL B 14 -17.37 5.21 -3.22
CA VAL B 14 -16.97 5.12 -1.86
C VAL B 14 -15.50 5.44 -1.89
N GLN B 15 -15.15 6.50 -1.17
CA GLN B 15 -13.78 6.99 -1.16
C GLN B 15 -13.49 7.48 0.22
N GLY B 16 -12.27 7.30 0.61
CA GLY B 16 -11.92 7.77 1.89
C GLY B 16 -10.46 7.93 2.01
N ILE B 17 -10.11 8.49 3.14
CA ILE B 17 -8.74 8.69 3.53
C ILE B 17 -8.65 8.41 5.05
N ILE B 18 -7.74 7.53 5.48
CA ILE B 18 -7.61 7.09 6.89
C ILE B 18 -6.15 7.24 7.33
N ASN B 19 -5.95 7.92 8.45
CA ASN B 19 -4.66 8.16 9.05
C ASN B 19 -4.48 7.29 10.29
N PHE B 20 -3.23 6.87 10.53
CA PHE B 20 -2.85 6.06 11.68
C PHE B 20 -1.67 6.73 12.38
N GLU B 21 -1.70 6.78 13.70
CA GLU B 21 -0.56 7.28 14.45
C GLU B 21 -0.35 6.49 15.71
N GLN B 22 0.90 6.14 15.98
CA GLN B 22 1.28 5.34 17.15
C GLN B 22 2.43 6.08 17.84
N LYS B 23 2.15 6.66 19.00
CA LYS B 23 3.12 7.47 19.73
C LYS B 23 4.33 6.67 20.19
N GLU B 24 4.14 5.41 20.58
CA GLU B 24 5.27 4.48 20.82
C GLU B 24 4.93 3.07 20.36
N SER B 25 5.94 2.23 20.12
CA SER B 25 5.73 0.92 19.45
C SER B 25 4.94 -0.05 20.32
N ASN B 26 5.08 0.14 21.61
CA ASN B 26 4.33 -0.66 22.55
C ASN B 26 2.96 -0.02 22.84
N GLY B 27 2.41 0.82 21.93
CA GLY B 27 1.29 1.59 22.43
C GLY B 27 0.12 1.58 21.49
N PRO B 28 -0.97 2.25 21.88
CA PRO B 28 -2.15 2.26 21.06
C PRO B 28 -1.96 3.04 19.76
N VAL B 29 -2.78 2.68 18.79
CA VAL B 29 -2.79 3.34 17.50
C VAL B 29 -4.09 4.13 17.38
N LYS B 30 -3.95 5.42 17.10
CA LYS B 30 -5.08 6.26 16.77
C LYS B 30 -5.37 6.13 15.27
N VAL B 31 -6.63 5.98 14.92
CA VAL B 31 -7.09 5.79 13.56
C VAL B 31 -8.17 6.82 13.32
N TRP B 32 -7.97 7.69 12.34
CA TRP B 32 -8.96 8.71 12.12
C TRP B 32 -8.98 9.16 10.70
N GLY B 33 -10.14 9.63 10.29
CA GLY B 33 -10.32 10.13 8.95
C GLY B 33 -11.77 10.20 8.56
N SER B 34 -12.04 10.12 7.24
CA SER B 34 -13.40 10.24 6.70
C SER B 34 -13.59 9.31 5.51
N ILE B 35 -14.80 8.82 5.40
CA ILE B 35 -15.21 8.01 4.29
C ILE B 35 -16.55 8.54 3.84
N LYS B 36 -16.66 8.74 2.54
CA LYS B 36 -17.92 9.24 1.94
C LYS B 36 -18.43 8.29 0.88
N GLY B 37 -19.67 8.54 0.45
CA GLY B 37 -20.31 7.71 -0.55
C GLY B 37 -20.99 6.46 -0.02
N LEU B 38 -21.09 6.34 1.31
CA LEU B 38 -21.64 5.16 1.96
C LEU B 38 -23.15 5.24 2.14
N THR B 39 -23.81 4.09 2.17
CA THR B 39 -25.20 4.04 2.62
C THR B 39 -25.26 4.29 4.15
N GLU B 40 -26.37 4.86 4.62
CA GLU B 40 -26.55 5.14 6.03
C GLU B 40 -26.49 3.84 6.85
N GLY B 41 -25.76 3.84 7.96
CA GLY B 41 -25.69 2.71 8.84
C GLY B 41 -24.25 2.23 9.01
N LEU B 42 -24.15 1.03 9.54
CA LEU B 42 -22.86 0.46 9.86
C LEU B 42 -22.21 -0.17 8.64
N HIS B 43 -20.90 -0.06 8.58
CA HIS B 43 -20.10 -0.73 7.57
C HIS B 43 -18.90 -1.34 8.23
N GLY B 44 -18.72 -2.64 8.00
CA GLY B 44 -17.57 -3.32 8.58
C GLY B 44 -16.25 -2.71 8.13
N PHE B 45 -15.27 -2.73 9.01
CA PHE B 45 -14.03 -1.97 8.83
C PHE B 45 -12.90 -2.82 9.35
N HIS B 46 -12.06 -3.33 8.44
CA HIS B 46 -11.06 -4.32 8.85
C HIS B 46 -9.77 -4.13 8.09
N VAL B 47 -8.69 -4.54 8.74
CA VAL B 47 -7.44 -4.78 8.04
C VAL B 47 -7.43 -6.24 7.56
N HIS B 48 -7.27 -6.41 6.25
CA HIS B 48 -7.14 -7.71 5.61
C HIS B 48 -5.68 -8.05 5.42
N GLU B 49 -5.42 -9.33 5.24
N GLU B 49 -5.43 -9.35 5.27
CA GLU B 49 -4.07 -9.84 5.32
CA GLU B 49 -4.10 -9.97 5.44
C GLU B 49 -3.10 -9.25 4.32
C GLU B 49 -3.07 -9.53 4.35
N PHE B 50 -3.50 -9.29 3.08
CA PHE B 50 -2.55 -8.97 2.00
C PHE B 50 -2.75 -7.55 1.52
N GLY B 51 -1.65 -6.89 1.24
CA GLY B 51 -1.68 -5.59 0.55
C GLY B 51 -1.69 -5.74 -0.96
N ASP B 52 -2.54 -6.64 -1.44
CA ASP B 52 -2.66 -7.02 -2.84
C ASP B 52 -3.98 -6.56 -3.36
N ASN B 53 -3.96 -5.62 -4.29
N ASN B 53 -3.92 -5.61 -4.32
CA ASN B 53 -5.19 -5.20 -4.91
CA ASN B 53 -5.08 -5.04 -5.03
C ASN B 53 -5.14 -5.45 -6.44
C ASN B 53 -5.12 -5.44 -6.49
N THR B 54 -4.39 -6.48 -6.85
CA THR B 54 -4.22 -6.85 -8.23
C THR B 54 -5.55 -6.86 -8.99
N ALA B 55 -6.53 -7.55 -8.45
CA ALA B 55 -7.84 -7.68 -9.09
C ALA B 55 -8.92 -6.94 -8.34
N GLY B 56 -8.54 -5.89 -7.63
CA GLY B 56 -9.43 -5.17 -6.74
C GLY B 56 -9.33 -5.65 -5.31
N CYS B 57 -10.29 -5.22 -4.50
CA CYS B 57 -10.25 -5.50 -3.08
C CYS B 57 -10.31 -6.98 -2.70
N THR B 58 -10.86 -7.81 -3.56
N THR B 58 -10.85 -7.82 -3.57
CA THR B 58 -10.92 -9.22 -3.31
CA THR B 58 -10.88 -9.24 -3.30
C THR B 58 -9.51 -9.82 -3.13
C THR B 58 -9.49 -9.82 -3.12
N SER B 59 -8.50 -9.25 -3.80
CA SER B 59 -7.16 -9.83 -3.76
C SER B 59 -6.54 -9.74 -2.35
N ALA B 60 -7.12 -8.93 -1.45
CA ALA B 60 -6.56 -8.72 -0.14
C ALA B 60 -6.73 -9.91 0.81
N GLY B 61 -7.56 -10.87 0.45
CA GLY B 61 -7.68 -12.06 1.28
C GLY B 61 -8.53 -11.81 2.52
N PRO B 62 -8.37 -12.68 3.53
CA PRO B 62 -9.23 -12.66 4.73
C PRO B 62 -8.77 -11.57 5.70
N HIS B 63 -9.50 -11.42 6.80
CA HIS B 63 -9.07 -10.49 7.83
C HIS B 63 -7.67 -10.87 8.32
N PHE B 64 -6.84 -9.87 8.64
CA PHE B 64 -5.51 -10.12 9.16
C PHE B 64 -5.63 -10.82 10.55
N ASN B 65 -5.09 -12.02 10.60
CA ASN B 65 -5.33 -12.93 11.73
C ASN B 65 -4.07 -13.70 12.09
N PRO B 66 -3.00 -13.00 12.48
CA PRO B 66 -1.72 -13.69 12.74
C PRO B 66 -1.79 -14.70 13.87
N LEU B 67 -2.74 -14.52 14.80
CA LEU B 67 -2.83 -15.36 15.99
C LEU B 67 -3.86 -16.48 15.84
N SER B 68 -4.45 -16.66 14.67
CA SER B 68 -5.36 -17.82 14.44
C SER B 68 -6.55 -17.83 15.39
N ARG B 69 -7.20 -16.68 15.51
CA ARG B 69 -8.43 -16.56 16.30
C ARG B 69 -9.65 -16.45 15.45
N LYS B 70 -10.81 -16.56 16.07
CA LYS B 70 -12.08 -16.26 15.43
C LYS B 70 -12.32 -14.76 15.40
N HIS B 71 -13.22 -14.37 14.50
CA HIS B 71 -13.60 -12.99 14.32
C HIS B 71 -14.32 -12.44 15.56
N GLY B 72 -14.07 -11.16 15.86
CA GLY B 72 -14.77 -10.47 16.97
C GLY B 72 -14.82 -8.99 16.71
N GLY B 73 -15.23 -8.25 17.74
CA GLY B 73 -15.14 -6.80 17.74
C GLY B 73 -13.85 -6.34 18.37
N PRO B 74 -13.53 -5.07 18.17
CA PRO B 74 -12.26 -4.58 18.65
C PRO B 74 -12.10 -4.67 20.17
N LYS B 75 -13.19 -4.63 20.92
CA LYS B 75 -13.11 -4.72 22.38
C LYS B 75 -12.92 -6.14 22.91
N ASP B 76 -13.11 -7.13 22.06
CA ASP B 76 -13.07 -8.52 22.47
C ASP B 76 -11.66 -9.08 22.54
N GLU B 77 -11.40 -10.00 23.46
N GLU B 77 -11.44 -9.92 23.55
CA GLU B 77 -10.12 -10.73 23.45
CA GLU B 77 -10.23 -10.66 23.74
C GLU B 77 -10.06 -11.66 22.23
C GLU B 77 -10.00 -11.58 22.53
N GLU B 78 -11.18 -12.33 21.95
N GLU B 78 -11.07 -12.27 22.15
CA GLU B 78 -11.23 -13.22 20.82
CA GLU B 78 -11.10 -13.10 20.95
C GLU B 78 -11.57 -12.35 19.63
C GLU B 78 -11.53 -12.29 19.74
N ARG B 79 -10.55 -11.97 18.90
CA ARG B 79 -10.74 -11.18 17.67
C ARG B 79 -9.54 -11.48 16.78
N HIS B 80 -9.70 -11.13 15.51
CA HIS B 80 -8.57 -11.02 14.59
C HIS B 80 -7.83 -9.71 14.91
N VAL B 81 -6.52 -9.68 14.67
CA VAL B 81 -5.80 -8.40 14.81
C VAL B 81 -6.47 -7.32 13.93
N GLY B 82 -6.92 -7.69 12.72
CA GLY B 82 -7.52 -6.70 11.83
C GLY B 82 -8.93 -6.25 12.14
N ASP B 83 -9.53 -6.72 13.23
CA ASP B 83 -10.94 -6.42 13.53
C ASP B 83 -11.13 -5.06 14.17
N LEU B 84 -11.47 -4.06 13.35
CA LEU B 84 -11.68 -2.69 13.81
C LEU B 84 -13.18 -2.32 13.86
N GLY B 85 -14.06 -3.32 13.80
CA GLY B 85 -15.47 -3.10 14.06
C GLY B 85 -16.19 -2.52 12.86
N ASN B 86 -16.91 -1.43 13.13
CA ASN B 86 -17.71 -0.73 12.12
C ASN B 86 -17.42 0.75 12.14
N VAL B 87 -17.58 1.36 10.97
CA VAL B 87 -17.75 2.79 10.83
C VAL B 87 -19.23 3.02 10.56
N THR B 88 -19.72 4.15 10.96
CA THR B 88 -21.17 4.34 10.93
C THR B 88 -21.40 5.58 10.10
N ALA B 89 -22.11 5.49 8.96
CA ALA B 89 -22.43 6.62 8.08
C ALA B 89 -23.82 7.18 8.37
N ASP B 90 -23.88 8.50 8.23
N ASP B 90 -23.97 8.46 8.22
CA ASP B 90 -25.13 9.24 8.35
CA ASP B 90 -25.28 9.04 8.38
C ASP B 90 -25.83 9.33 6.99
C ASP B 90 -25.92 9.19 7.02
N LYS B 91 -27.02 9.91 6.97
CA LYS B 91 -27.78 10.11 5.73
C LYS B 91 -27.00 10.82 4.65
N ASP B 92 -26.05 11.64 5.06
CA ASP B 92 -25.22 12.28 4.06
C ASP B 92 -24.16 11.36 3.43
N GLY B 93 -24.06 10.13 3.92
CA GLY B 93 -23.15 9.15 3.34
C GLY B 93 -21.74 9.20 3.92
N VAL B 94 -21.53 9.99 4.96
CA VAL B 94 -20.21 10.20 5.55
C VAL B 94 -20.06 9.52 6.89
N ALA B 95 -18.98 8.77 7.05
CA ALA B 95 -18.58 8.20 8.33
C ALA B 95 -17.37 8.93 8.84
N ASP B 96 -17.45 9.43 10.06
CA ASP B 96 -16.32 10.04 10.72
C ASP B 96 -15.65 8.96 11.52
N VAL B 97 -14.39 8.72 11.16
CA VAL B 97 -13.67 7.66 11.77
C VAL B 97 -12.79 8.26 12.85
N SER B 98 -12.98 7.73 14.05
CA SER B 98 -12.16 8.04 15.20
C SER B 98 -12.14 6.81 16.12
N ILE B 99 -11.02 6.10 16.07
CA ILE B 99 -10.83 4.79 16.69
C ILE B 99 -9.48 4.89 17.45
N GLU B 100 -9.37 4.27 18.62
CA GLU B 100 -8.06 3.99 19.20
C GLU B 100 -8.06 2.51 19.41
N ASP B 101 -6.98 1.84 19.03
CA ASP B 101 -6.93 0.39 19.12
C ASP B 101 -5.56 -0.03 19.64
N SER B 102 -5.56 -1.01 20.54
CA SER B 102 -4.35 -1.48 21.16
C SER B 102 -3.81 -2.77 20.60
N VAL B 103 -4.50 -3.38 19.65
CA VAL B 103 -4.08 -4.64 19.11
C VAL B 103 -3.34 -4.51 17.77
N ILE B 104 -3.84 -3.67 16.89
CA ILE B 104 -3.08 -3.31 15.71
C ILE B 104 -1.81 -2.57 16.16
N SER B 105 -0.80 -2.61 15.30
CA SER B 105 0.42 -1.88 15.53
C SER B 105 0.97 -1.37 14.19
N LEU B 106 1.88 -0.40 14.26
CA LEU B 106 2.62 0.07 13.11
C LEU B 106 4.07 -0.42 13.15
N SER B 107 4.36 -1.37 14.03
CA SER B 107 5.62 -2.11 14.05
C SER B 107 5.37 -3.54 14.57
N GLY B 108 6.38 -4.40 14.45
CA GLY B 108 6.31 -5.75 15.06
C GLY B 108 5.40 -6.74 14.33
N ASP B 109 5.06 -7.84 15.01
CA ASP B 109 4.35 -8.98 14.37
C ASP B 109 2.94 -8.60 14.01
N HIS B 110 2.39 -7.65 14.71
CA HIS B 110 1.00 -7.22 14.47
C HIS B 110 0.94 -5.95 13.62
N CYS B 111 2.04 -5.66 12.92
CA CYS B 111 2.08 -4.50 12.05
C CYS B 111 1.10 -4.63 10.90
N ILE B 112 0.33 -3.55 10.68
CA ILE B 112 -0.67 -3.52 9.63
C ILE B 112 -0.18 -2.79 8.36
N THR B 113 0.98 -2.15 8.42
CA THR B 113 1.50 -1.47 7.26
C THR B 113 1.83 -2.51 6.17
N GLY B 114 1.50 -2.18 4.93
CA GLY B 114 1.66 -3.12 3.83
C GLY B 114 0.49 -4.07 3.65
N ARG B 115 -0.55 -3.92 4.49
CA ARG B 115 -1.75 -4.73 4.37
C ARG B 115 -2.88 -3.84 3.86
N THR B 116 -4.07 -4.38 3.68
CA THR B 116 -5.17 -3.63 3.06
C THR B 116 -6.23 -3.29 4.09
N LEU B 117 -6.65 -2.03 4.13
CA LEU B 117 -7.82 -1.61 4.89
C LEU B 117 -9.04 -1.68 3.97
N VAL B 118 -10.14 -2.26 4.45
CA VAL B 118 -11.36 -2.45 3.66
C VAL B 118 -12.55 -1.91 4.45
N VAL B 119 -13.43 -1.18 3.73
CA VAL B 119 -14.75 -0.85 4.24
C VAL B 119 -15.78 -1.67 3.47
N HIS B 120 -16.67 -2.31 4.23
CA HIS B 120 -17.58 -3.30 3.69
C HIS B 120 -19.00 -2.79 3.44
N GLU B 121 -19.73 -3.59 2.68
CA GLU B 121 -21.08 -3.33 2.27
C GLU B 121 -22.05 -3.19 3.42
N LYS B 122 -21.94 -4.11 4.37
CA LYS B 122 -22.90 -4.32 5.41
C LYS B 122 -22.26 -4.14 6.82
N ALA B 123 -23.08 -4.23 7.87
CA ALA B 123 -22.60 -4.18 9.24
C ALA B 123 -21.83 -5.44 9.55
N ASP B 124 -20.81 -5.26 10.39
CA ASP B 124 -20.11 -6.36 11.02
C ASP B 124 -20.87 -6.65 12.35
N ASP B 125 -21.28 -7.91 12.52
CA ASP B 125 -21.97 -8.29 13.75
C ASP B 125 -21.03 -8.62 14.92
N LEU B 126 -19.74 -8.38 14.71
CA LEU B 126 -18.74 -8.46 15.74
C LEU B 126 -18.65 -9.85 16.33
N GLY B 127 -18.96 -10.82 15.49
CA GLY B 127 -18.91 -12.21 15.82
C GLY B 127 -20.10 -12.75 16.63
N LYS B 128 -21.17 -11.98 16.77
CA LYS B 128 -22.34 -12.27 17.66
C LYS B 128 -23.60 -12.57 16.85
N GLY B 129 -23.47 -12.83 15.55
CA GLY B 129 -24.63 -13.01 14.65
C GLY B 129 -25.28 -14.37 14.67
N GLY B 130 -24.60 -15.36 15.23
CA GLY B 130 -25.20 -16.69 15.38
C GLY B 130 -25.05 -17.74 14.29
N ASN B 131 -24.64 -17.35 13.07
CA ASN B 131 -24.20 -18.31 12.00
C ASN B 131 -22.68 -18.50 12.03
N GLU B 132 -22.20 -19.45 11.25
CA GLU B 132 -20.80 -19.77 11.20
C GLU B 132 -20.00 -18.58 10.64
N GLU B 133 -20.56 -17.93 9.63
CA GLU B 133 -19.79 -16.91 8.91
C GLU B 133 -19.55 -15.68 9.83
N SER B 134 -20.36 -15.47 10.90
CA SER B 134 -20.13 -14.43 11.89
C SER B 134 -18.76 -14.59 12.43
N THR B 135 -18.27 -15.84 12.62
CA THR B 135 -16.97 -16.13 13.20
C THR B 135 -15.76 -15.99 12.28
N LYS B 136 -15.99 -15.65 11.00
CA LYS B 136 -14.93 -15.43 10.04
C LYS B 136 -14.93 -14.00 9.54
N THR B 137 -16.10 -13.52 9.10
CA THR B 137 -16.19 -12.21 8.46
C THR B 137 -17.12 -11.23 9.16
N GLY B 138 -17.88 -11.67 10.14
CA GLY B 138 -18.90 -10.82 10.77
C GLY B 138 -20.10 -10.56 9.87
N ASN B 139 -20.19 -11.30 8.77
CA ASN B 139 -21.28 -11.16 7.81
C ASN B 139 -21.33 -9.75 7.21
N ALA B 140 -20.17 -9.12 7.04
CA ALA B 140 -20.13 -7.74 6.59
C ALA B 140 -20.21 -7.59 5.05
N GLY B 141 -20.29 -8.68 4.31
CA GLY B 141 -20.55 -8.60 2.89
C GLY B 141 -19.37 -8.11 2.06
N SER B 142 -19.70 -7.55 0.91
CA SER B 142 -18.72 -7.25 -0.09
C SER B 142 -17.84 -6.07 0.32
N ARG B 143 -16.86 -5.83 -0.53
CA ARG B 143 -15.80 -4.84 -0.25
C ARG B 143 -16.06 -3.59 -1.10
N LEU B 144 -16.50 -2.52 -0.45
CA LEU B 144 -16.89 -1.32 -1.19
C LEU B 144 -15.66 -0.50 -1.62
N ALA B 145 -14.66 -0.43 -0.76
CA ALA B 145 -13.45 0.35 -1.05
C ALA B 145 -12.33 -0.18 -0.20
N CYS B 146 -11.12 0.01 -0.68
CA CYS B 146 -9.96 -0.49 0.01
C CYS B 146 -8.73 0.29 -0.40
N GLY B 147 -7.65 0.10 0.33
CA GLY B 147 -6.34 0.62 -0.07
C GLY B 147 -5.27 -0.05 0.74
N VAL B 148 -4.04 0.03 0.27
CA VAL B 148 -2.91 -0.51 0.98
C VAL B 148 -2.43 0.52 2.01
N ILE B 149 -2.17 0.07 3.22
CA ILE B 149 -1.73 0.95 4.30
C ILE B 149 -0.22 1.20 4.12
N GLY B 150 0.14 2.46 4.02
CA GLY B 150 1.50 2.85 3.74
C GLY B 150 2.14 3.65 4.85
N ILE B 151 3.46 3.65 4.85
CA ILE B 151 4.26 4.43 5.78
C ILE B 151 4.09 5.91 5.45
N ALA B 152 3.84 6.71 6.47
CA ALA B 152 3.62 8.15 6.29
C ALA B 152 4.74 8.94 6.93
N GLN B 153 4.89 10.18 6.48
CA GLN B 153 5.90 11.10 6.93
C GLN B 153 5.64 11.56 8.35
C1 ALE C . 23.22 -9.09 0.47
C2 ALE C . 24.50 -8.57 0.59
C3 ALE C . 25.52 -9.23 1.27
C4 ALE C . 25.26 -10.48 1.83
C5 ALE C . 24.01 -11.02 1.71
C6 ALE C . 22.99 -10.34 1.03
O1 ALE C . 26.73 -8.61 1.40
O2 ALE C . 26.27 -11.10 2.49
O3 ALE C . 21.13 -9.11 -0.83
C9 ALE C . 20.02 -5.48 1.20
N1 ALE C . 20.48 -6.50 0.24
C8 ALE C . 21.52 -7.36 0.84
C7 ALE C . 22.14 -8.33 -0.20
C1 ALE D . 13.59 -15.55 -7.89
C2 ALE D . 13.64 -15.04 -6.58
C3 ALE D . 14.64 -14.15 -6.20
C4 ALE D . 15.64 -13.78 -7.11
C5 ALE D . 15.58 -14.28 -8.42
C6 ALE D . 14.58 -15.17 -8.81
O1 ALE D . 14.70 -13.74 -4.92
O2 ALE D . 16.59 -12.93 -6.66
O3 ALE D . 12.34 -17.47 -7.32
C9 ALE D . 9.10 -15.89 -9.49
N1 ALE D . 10.30 -16.64 -9.14
C8 ALE D . 11.23 -15.69 -8.53
C7 ALE D . 12.55 -16.43 -8.29
S SO4 E . 13.20 16.24 -11.83
O1 SO4 E . 13.30 15.71 -13.23
O2 SO4 E . 13.13 15.15 -10.94
O3 SO4 E . 12.04 17.11 -11.61
O4 SO4 E . 14.47 16.81 -11.35
CU CU F . 10.92 7.93 -8.62
ZN ZN G . 17.40 7.89 -6.36
C ACT H . 4.97 5.60 -28.49
O ACT H . 5.75 6.47 -27.94
OXT ACT H . 4.29 4.65 -27.87
CH3 ACT H . 4.79 5.69 -29.90
S SO4 I . 4.73 14.92 -9.61
O1 SO4 I . 4.18 14.14 -10.76
O2 SO4 I . 4.51 14.20 -8.34
O3 SO4 I . 3.99 16.22 -9.54
O4 SO4 I . 6.18 15.20 -9.81
S SO4 J . -19.83 -12.31 3.75
O1 SO4 J . -20.02 -13.76 3.75
O2 SO4 J . -18.85 -11.84 4.71
O3 SO4 J . -21.07 -11.59 4.15
O4 SO4 J . -19.34 -11.87 2.41
S SO4 K . -15.69 -8.60 -2.93
O1 SO4 K . -16.23 -9.38 -1.78
O2 SO4 K . -16.12 -9.26 -4.19
O3 SO4 K . -14.20 -8.54 -2.87
O4 SO4 K . -16.27 -7.26 -2.85
CU CU L . -12.94 -6.59 6.03
ZN ZN M . -12.26 -10.49 11.60
#